data_4EVH
#
_entry.id   4EVH
#
_cell.length_a   51.309
_cell.length_b   58.363
_cell.length_c   98.762
_cell.angle_alpha   90.00
_cell.angle_beta   90.00
_cell.angle_gamma   90.00
#
_symmetry.space_group_name_H-M   'P 21 21 21'
#
loop_
_entity.id
_entity.type
_entity.pdbx_description
1 polymer 'Giardin subunit alpha-1'
2 non-polymer 'CALCIUM ION'
3 water water
#
_entity_poly.entity_id   1
_entity_poly.type   'polypeptide(L)'
_entity_poly.pdbx_seq_one_letter_code
;MPKVTDIANELKQAIDAKDEVQIAFIASEYSAESREKIAKAYVASYGKELPDDIKKALKGGSEESLLMDLFSDRHEVRAQ
HIRDALSGRNDHMAFFDTVILCTPEDWHETVAAYTRMFKKPLVEDFMKDVGRKEDWCLLMEKWMAHERVSRPGSPEDEAQ
RLDQAFDQKNTAYLIDFFGTVPSAEYRPIAEAFKAQNGKSIEQAIATIYTKTDYYTFYCAHFALLGMHRLAAYLINCACN
DKGDEKRMRRITGMMVDKCLGAKHAYKIYGDMGTDIERCFDKRMAPILRTLWRVK
;
_entity_poly.pdbx_strand_id   A
#
loop_
_chem_comp.id
_chem_comp.type
_chem_comp.name
_chem_comp.formula
CA non-polymer 'CALCIUM ION' 'Ca 2'
#
# COMPACT_ATOMS: atom_id res chain seq x y z
N PRO A 2 21.75 -17.32 2.04
CA PRO A 2 23.13 -17.16 2.51
C PRO A 2 23.22 -16.33 3.80
N LYS A 3 24.34 -16.44 4.52
CA LYS A 3 24.53 -15.67 5.76
C LYS A 3 24.13 -14.20 5.62
N VAL A 4 23.29 -13.70 6.51
CA VAL A 4 22.91 -12.29 6.51
C VAL A 4 24.16 -11.42 6.59
N THR A 5 25.27 -12.07 6.90
CA THR A 5 26.51 -11.35 7.07
C THR A 5 27.07 -11.02 5.68
N ASP A 6 26.92 -11.96 4.76
CA ASP A 6 27.44 -11.81 3.42
C ASP A 6 26.51 -10.97 2.57
N ILE A 7 25.23 -11.05 2.89
CA ILE A 7 24.23 -10.21 2.27
C ILE A 7 24.48 -8.73 2.52
N ALA A 8 24.84 -8.39 3.75
CA ALA A 8 25.16 -7.01 4.10
C ALA A 8 26.35 -6.58 3.30
N ASN A 9 27.28 -7.49 3.11
CA ASN A 9 28.45 -7.18 2.33
C ASN A 9 28.07 -6.77 0.92
N GLU A 10 27.19 -7.56 0.31
CA GLU A 10 26.80 -7.39 -1.10
C GLU A 10 26.27 -5.99 -1.31
N LEU A 11 25.44 -5.56 -0.37
CA LEU A 11 24.88 -4.23 -0.38
C LEU A 11 26.00 -3.21 -0.34
N LYS A 12 26.93 -3.40 0.60
CA LYS A 12 28.02 -2.46 0.82
C LYS A 12 28.82 -2.24 -0.45
N GLN A 13 28.93 -3.29 -1.26
CA GLN A 13 29.67 -3.21 -2.50
C GLN A 13 28.80 -2.63 -3.60
N ALA A 14 27.48 -2.88 -3.51
CA ALA A 14 26.54 -2.18 -4.37
C ALA A 14 26.55 -0.70 -4.00
N ILE A 15 26.63 -0.42 -2.70
CA ILE A 15 26.60 0.95 -2.21
C ILE A 15 27.92 1.64 -2.50
N ASP A 16 28.97 0.83 -2.63
CA ASP A 16 30.26 1.32 -3.11
C ASP A 16 30.15 1.60 -4.60
N ALA A 17 29.74 0.59 -5.36
CA ALA A 17 29.53 0.76 -6.78
C ALA A 17 28.57 1.92 -7.06
N LYS A 18 27.71 2.21 -6.07
CA LYS A 18 26.66 3.21 -6.20
C LYS A 18 25.53 2.73 -7.10
N ASP A 19 25.56 1.44 -7.44
CA ASP A 19 24.62 0.81 -8.35
C ASP A 19 23.18 0.70 -7.77
N GLU A 20 22.31 1.63 -8.12
CA GLU A 20 20.93 1.65 -7.64
C GLU A 20 20.17 0.36 -7.96
N VAL A 21 20.39 -0.17 -9.15
CA VAL A 21 19.67 -1.38 -9.55
C VAL A 21 20.08 -2.60 -8.73
N GLN A 22 21.38 -2.76 -8.52
CA GLN A 22 21.87 -3.89 -7.73
C GLN A 22 21.44 -3.87 -6.27
N ILE A 23 21.30 -2.68 -5.70
CA ILE A 23 20.79 -2.53 -4.34
C ILE A 23 19.33 -2.95 -4.34
N ALA A 24 18.55 -2.24 -5.16
CA ALA A 24 17.17 -2.62 -5.44
C ALA A 24 17.04 -4.13 -5.68
N PHE A 25 17.98 -4.72 -6.40
CA PHE A 25 17.85 -6.15 -6.65
C PHE A 25 17.99 -6.96 -5.40
N ILE A 26 18.94 -6.59 -4.55
CA ILE A 26 19.15 -7.30 -3.29
C ILE A 26 17.91 -7.12 -2.45
N ALA A 27 17.39 -5.90 -2.45
CA ALA A 27 16.14 -5.61 -1.77
C ALA A 27 15.08 -6.61 -2.21
N SER A 28 14.84 -6.67 -3.52
CA SER A 28 13.81 -7.53 -4.09
C SER A 28 13.93 -8.97 -3.62
N GLU A 29 15.15 -9.41 -3.30
CA GLU A 29 15.33 -10.81 -2.89
C GLU A 29 14.77 -11.13 -1.50
N TYR A 30 14.63 -10.13 -0.63
CA TYR A 30 14.27 -10.44 0.74
C TYR A 30 13.12 -9.63 1.28
N SER A 31 12.26 -10.30 2.02
CA SER A 31 11.09 -9.70 2.64
C SER A 31 11.49 -8.62 3.63
N ALA A 32 10.51 -7.84 4.05
CA ALA A 32 10.73 -6.77 5.01
C ALA A 32 11.43 -7.23 6.29
N GLU A 33 11.05 -8.39 6.80
CA GLU A 33 11.63 -8.90 8.04
C GLU A 33 13.07 -9.34 7.80
N SER A 34 13.29 -10.00 6.67
CA SER A 34 14.64 -10.36 6.30
C SER A 34 15.50 -9.10 6.10
N ARG A 35 14.94 -8.08 5.47
CA ARG A 35 15.69 -6.85 5.27
C ARG A 35 15.95 -6.11 6.58
N GLU A 36 15.08 -6.33 7.58
CA GLU A 36 15.36 -5.86 8.94
C GLU A 36 16.57 -6.59 9.56
N LYS A 37 16.70 -7.89 9.32
CA LYS A 37 17.84 -8.65 9.89
C LYS A 37 19.15 -8.31 9.21
N ILE A 38 19.05 -8.03 7.91
CA ILE A 38 20.18 -7.67 7.07
C ILE A 38 20.65 -6.27 7.42
N ALA A 39 19.70 -5.39 7.77
CA ALA A 39 20.03 -4.05 8.21
C ALA A 39 20.87 -4.09 9.47
N LYS A 40 20.49 -4.93 10.44
CA LYS A 40 21.22 -5.10 11.69
C LYS A 40 22.64 -5.58 11.45
N ALA A 41 22.75 -6.72 10.78
CA ALA A 41 24.03 -7.30 10.42
C ALA A 41 24.93 -6.23 9.83
N TYR A 42 24.32 -5.32 9.09
CA TYR A 42 25.02 -4.31 8.32
C TYR A 42 25.61 -3.18 9.18
N VAL A 43 24.87 -2.75 10.22
CA VAL A 43 25.32 -1.66 11.09
C VAL A 43 26.40 -2.12 12.06
N ALA A 44 26.28 -3.35 12.53
CA ALA A 44 27.31 -3.93 13.38
C ALA A 44 28.57 -4.04 12.54
N SER A 45 28.40 -4.43 11.28
CA SER A 45 29.52 -4.70 10.38
C SER A 45 30.35 -3.46 10.15
N TYR A 46 29.66 -2.36 9.85
CA TYR A 46 30.35 -1.17 9.41
C TYR A 46 30.08 0.04 10.28
N GLY A 47 29.37 -0.14 11.39
CA GLY A 47 28.97 1.00 12.21
C GLY A 47 28.24 2.09 11.42
N LYS A 48 27.69 1.73 10.27
CA LYS A 48 26.91 2.67 9.46
C LYS A 48 25.46 2.22 9.36
N GLU A 49 24.55 3.11 9.72
CA GLU A 49 23.13 2.92 9.45
C GLU A 49 22.89 2.64 7.95
N LEU A 50 22.21 1.56 7.62
CA LEU A 50 22.14 1.09 6.23
C LEU A 50 21.45 2.08 5.29
N PRO A 51 20.30 2.60 5.70
CA PRO A 51 19.75 3.73 4.97
C PRO A 51 20.70 4.92 4.91
N ASP A 52 21.47 5.17 5.97
CA ASP A 52 22.40 6.30 5.96
C ASP A 52 23.49 6.15 4.90
N ASP A 53 23.84 4.92 4.57
CA ASP A 53 24.86 4.72 3.56
C ASP A 53 24.26 4.82 2.14
N ILE A 54 23.05 4.28 1.97
CA ILE A 54 22.37 4.41 0.71
C ILE A 54 22.22 5.90 0.40
N LYS A 55 21.71 6.66 1.36
CA LYS A 55 21.54 8.09 1.15
C LYS A 55 22.89 8.67 0.76
N LYS A 56 23.93 8.19 1.42
CA LYS A 56 25.27 8.69 1.18
C LYS A 56 25.67 8.50 -0.28
N ALA A 57 25.79 7.24 -0.70
CA ALA A 57 26.28 6.90 -2.04
C ALA A 57 25.49 7.59 -3.14
N LEU A 58 24.18 7.47 -3.07
CA LEU A 58 23.37 7.96 -4.17
C LEU A 58 22.57 9.22 -3.82
N LYS A 59 22.75 10.24 -4.66
CA LYS A 59 22.03 11.49 -4.51
C LYS A 59 20.89 11.48 -5.50
N GLY A 60 19.70 11.88 -5.05
CA GLY A 60 18.59 11.99 -5.96
C GLY A 60 17.23 12.30 -5.39
N GLY A 61 16.23 11.60 -5.89
CA GLY A 61 14.85 11.81 -5.48
C GLY A 61 14.22 10.54 -5.00
N SER A 62 13.01 10.27 -5.50
CA SER A 62 12.21 9.15 -5.06
C SER A 62 13.00 7.87 -5.13
N GLU A 63 13.85 7.73 -6.15
CA GLU A 63 14.64 6.51 -6.32
C GLU A 63 15.52 6.22 -5.11
N GLU A 64 16.08 7.30 -4.57
CA GLU A 64 16.94 7.26 -3.39
C GLU A 64 16.12 6.90 -2.16
N SER A 65 15.13 7.74 -1.89
CA SER A 65 14.24 7.55 -0.76
C SER A 65 13.66 6.14 -0.78
N LEU A 66 13.41 5.61 -1.98
CA LEU A 66 12.81 4.27 -2.08
C LEU A 66 13.71 3.22 -1.45
N LEU A 67 14.94 3.19 -1.94
CA LEU A 67 15.96 2.27 -1.47
C LEU A 67 16.26 2.44 0.02
N MET A 68 16.00 3.63 0.54
CA MET A 68 16.22 3.83 1.97
C MET A 68 15.12 3.20 2.76
N ASP A 69 13.89 3.57 2.43
CA ASP A 69 12.69 3.00 3.02
C ASP A 69 12.78 1.48 3.13
N LEU A 70 13.33 0.84 2.10
CA LEU A 70 13.39 -0.63 2.00
C LEU A 70 14.26 -1.29 3.06
N PHE A 71 15.08 -0.47 3.73
CA PHE A 71 16.00 -0.94 4.74
C PHE A 71 15.83 -0.11 6.00
N SER A 72 14.59 0.34 6.19
CA SER A 72 14.20 1.17 7.32
C SER A 72 12.96 0.55 7.97
N ASP A 73 12.64 0.96 9.20
CA ASP A 73 11.49 0.37 9.86
C ASP A 73 10.21 0.65 9.08
N ARG A 74 9.59 -0.43 8.64
CA ARG A 74 8.35 -0.40 7.85
C ARG A 74 7.33 0.55 8.45
N HIS A 75 7.26 0.54 9.77
CA HIS A 75 6.21 1.24 10.46
C HIS A 75 6.58 2.71 10.65
N GLU A 76 7.88 2.99 10.75
CA GLU A 76 8.32 4.38 10.82
C GLU A 76 8.11 5.01 9.43
N VAL A 77 8.59 4.32 8.41
CA VAL A 77 8.39 4.72 7.03
C VAL A 77 6.93 5.08 6.82
N ARG A 78 6.05 4.19 7.25
CA ARG A 78 4.63 4.43 7.16
C ARG A 78 4.21 5.66 7.97
N ALA A 79 4.55 5.71 9.25
CA ALA A 79 4.19 6.85 10.09
C ALA A 79 4.67 8.20 9.55
N GLN A 80 5.80 8.21 8.86
CA GLN A 80 6.28 9.43 8.22
C GLN A 80 5.43 9.79 6.99
N HIS A 81 5.13 8.79 6.16
CA HIS A 81 4.23 8.97 5.02
C HIS A 81 2.89 9.49 5.52
N ILE A 82 2.35 8.85 6.55
CA ILE A 82 1.11 9.34 7.18
C ILE A 82 1.28 10.73 7.79
N ARG A 83 2.46 11.02 8.31
CA ARG A 83 2.72 12.38 8.78
C ARG A 83 2.65 13.34 7.60
N ASP A 84 3.27 12.94 6.49
CA ASP A 84 3.45 13.82 5.34
C ASP A 84 2.11 14.14 4.68
N ALA A 85 1.31 13.11 4.42
CA ALA A 85 0.02 13.28 3.78
C ALA A 85 -0.92 14.21 4.54
N LEU A 86 -0.53 14.59 5.77
CA LEU A 86 -1.35 15.48 6.58
C LEU A 86 -0.66 16.82 6.76
N SER A 87 0.62 16.87 6.41
CA SER A 87 1.46 18.02 6.70
C SER A 87 0.95 19.30 6.00
N GLY A 88 0.91 19.26 4.68
CA GLY A 88 0.22 20.29 3.91
C GLY A 88 -1.25 19.92 3.81
N ARG A 89 -1.81 20.03 2.63
CA ARG A 89 -3.22 19.71 2.45
C ARG A 89 -3.42 18.21 2.14
N ASN A 90 -4.37 17.60 2.85
CA ASN A 90 -4.67 16.17 2.73
C ASN A 90 -4.31 15.50 1.41
N ASP A 91 -3.30 14.62 1.43
CA ASP A 91 -2.91 13.92 0.21
C ASP A 91 -3.69 12.62 0.06
N HIS A 92 -4.93 12.73 -0.37
CA HIS A 92 -5.77 11.56 -0.59
C HIS A 92 -5.07 10.38 -1.29
N MET A 93 -4.32 10.63 -2.36
CA MET A 93 -3.62 9.56 -3.04
C MET A 93 -2.73 8.83 -2.04
N ALA A 94 -2.08 9.59 -1.17
CA ALA A 94 -1.24 9.01 -0.13
C ALA A 94 -2.07 8.30 0.94
N PHE A 95 -3.30 8.75 1.14
CA PHE A 95 -4.16 8.11 2.14
C PHE A 95 -4.29 6.66 1.75
N PHE A 96 -4.81 6.46 0.55
CA PHE A 96 -4.99 5.11 0.04
C PHE A 96 -3.76 4.25 0.29
N ASP A 97 -2.61 4.71 -0.17
CA ASP A 97 -1.36 3.94 -0.10
C ASP A 97 -1.02 3.57 1.33
N THR A 98 -1.43 4.41 2.26
CA THR A 98 -0.91 4.36 3.63
C THR A 98 -1.92 3.78 4.61
N VAL A 99 -3.20 3.97 4.30
CA VAL A 99 -4.26 3.52 5.18
C VAL A 99 -4.86 2.19 4.70
N ILE A 100 -5.18 2.11 3.42
CA ILE A 100 -5.94 1.00 2.87
C ILE A 100 -5.04 -0.13 2.39
N LEU A 101 -3.88 0.25 1.85
CA LEU A 101 -2.91 -0.71 1.37
C LEU A 101 -2.00 -1.13 2.53
N CYS A 102 -2.58 -1.82 3.50
CA CYS A 102 -1.87 -2.12 4.74
C CYS A 102 -2.49 -3.29 5.52
N THR A 103 -1.67 -4.15 6.09
CA THR A 103 -2.22 -5.18 6.96
C THR A 103 -2.51 -4.58 8.32
N PRO A 104 -3.38 -5.24 9.09
CA PRO A 104 -3.71 -4.84 10.46
C PRO A 104 -2.49 -4.80 11.39
N GLU A 105 -1.60 -5.78 11.28
CA GLU A 105 -0.38 -5.73 12.08
C GLU A 105 0.50 -4.53 11.72
N ASP A 106 0.90 -4.43 10.46
CA ASP A 106 1.68 -3.28 10.02
C ASP A 106 1.03 -2.01 10.54
N TRP A 107 -0.28 -1.92 10.37
CA TRP A 107 -0.98 -0.72 10.77
C TRP A 107 -0.72 -0.42 12.23
N HIS A 108 -0.94 -1.43 13.06
CA HIS A 108 -0.79 -1.31 14.48
C HIS A 108 0.54 -0.70 14.88
N GLU A 109 1.65 -1.24 14.38
CA GLU A 109 2.97 -0.75 14.76
C GLU A 109 3.16 0.64 14.20
N THR A 110 2.62 0.87 13.01
CA THR A 110 2.57 2.19 12.40
C THR A 110 1.85 3.20 13.31
N VAL A 111 0.75 2.78 13.91
CA VAL A 111 0.15 3.61 14.93
C VAL A 111 1.20 3.92 16.00
N ALA A 112 1.70 2.88 16.65
CA ALA A 112 2.70 3.00 17.72
C ALA A 112 3.93 3.80 17.31
N ALA A 113 4.37 3.61 16.06
CA ALA A 113 5.53 4.33 15.55
C ALA A 113 5.23 5.82 15.34
N TYR A 114 3.97 6.16 15.07
CA TYR A 114 3.53 7.55 14.95
C TYR A 114 3.66 8.28 16.29
N THR A 115 3.42 7.56 17.38
CA THR A 115 3.65 8.11 18.71
C THR A 115 5.15 8.32 18.99
N ARG A 116 5.94 7.29 18.76
CA ARG A 116 7.36 7.40 19.05
C ARG A 116 7.86 8.64 18.35
N MET A 117 7.55 8.75 17.07
CA MET A 117 8.06 9.85 16.26
C MET A 117 7.49 11.22 16.65
N PHE A 118 6.16 11.36 16.69
CA PHE A 118 5.56 12.69 16.80
C PHE A 118 4.76 12.90 18.09
N LYS A 119 4.93 12.03 19.06
CA LYS A 119 4.22 12.14 20.34
C LYS A 119 2.74 12.49 20.19
N LYS A 120 2.10 11.97 19.14
CA LYS A 120 0.68 12.23 18.87
C LYS A 120 -0.06 10.95 18.57
N PRO A 121 -1.38 10.96 18.73
CA PRO A 121 -2.16 9.80 18.34
C PRO A 121 -2.57 9.93 16.86
N LEU A 122 -1.91 9.11 16.05
CA LEU A 122 -2.09 9.07 14.61
C LEU A 122 -3.55 9.28 14.20
N VAL A 123 -4.44 8.53 14.83
CA VAL A 123 -5.81 8.50 14.39
C VAL A 123 -6.52 9.80 14.73
N GLU A 124 -6.12 10.40 15.86
CA GLU A 124 -6.63 11.72 16.26
C GLU A 124 -6.22 12.79 15.26
N ASP A 125 -4.94 12.81 14.90
CA ASP A 125 -4.44 13.78 13.93
C ASP A 125 -5.23 13.70 12.65
N PHE A 126 -5.50 12.46 12.24
CA PHE A 126 -6.07 12.16 10.94
C PHE A 126 -7.50 12.59 10.86
N MET A 127 -8.25 12.35 11.94
CA MET A 127 -9.67 12.71 11.93
C MET A 127 -9.80 14.21 12.12
N LYS A 128 -8.75 14.81 12.69
CA LYS A 128 -8.65 16.25 12.79
C LYS A 128 -8.58 16.83 11.40
N ASP A 129 -7.57 16.43 10.64
CA ASP A 129 -7.36 17.02 9.32
C ASP A 129 -8.43 16.59 8.33
N VAL A 130 -8.85 15.34 8.44
CA VAL A 130 -9.75 14.74 7.45
C VAL A 130 -11.24 15.07 7.65
N GLY A 131 -11.67 15.16 8.90
CA GLY A 131 -13.05 15.53 9.18
C GLY A 131 -14.01 14.38 8.97
N ARG A 132 -15.31 14.66 9.06
CA ARG A 132 -16.30 13.60 8.94
C ARG A 132 -17.49 13.99 8.07
N LYS A 133 -17.20 14.70 6.98
CA LYS A 133 -18.26 15.26 6.15
C LYS A 133 -18.63 14.40 4.95
N GLU A 134 -17.65 13.69 4.40
CA GLU A 134 -17.93 12.78 3.30
C GLU A 134 -17.94 11.32 3.76
N ASP A 135 -18.54 10.46 2.95
CA ASP A 135 -18.51 9.05 3.27
C ASP A 135 -17.07 8.52 3.35
N TRP A 136 -16.21 8.95 2.43
CA TRP A 136 -14.81 8.49 2.38
C TRP A 136 -14.06 8.72 3.69
N CYS A 137 -14.44 9.77 4.40
CA CYS A 137 -13.86 10.08 5.69
C CYS A 137 -14.29 9.04 6.69
N LEU A 138 -15.58 8.70 6.65
CA LEU A 138 -16.13 7.84 7.69
C LEU A 138 -15.63 6.43 7.47
N LEU A 139 -15.55 6.05 6.19
CA LEU A 139 -15.01 4.77 5.85
C LEU A 139 -13.59 4.69 6.39
N MET A 140 -12.81 5.74 6.10
CA MET A 140 -11.42 5.68 6.52
C MET A 140 -11.21 5.47 8.02
N GLU A 141 -12.08 6.07 8.83
CA GLU A 141 -11.99 5.96 10.27
C GLU A 141 -12.29 4.54 10.70
N LYS A 142 -13.32 3.97 10.08
CA LYS A 142 -13.73 2.59 10.29
C LYS A 142 -12.57 1.63 9.96
N TRP A 143 -11.97 1.84 8.78
CA TRP A 143 -10.90 0.97 8.30
C TRP A 143 -9.74 1.00 9.26
N MET A 144 -9.41 2.20 9.72
CA MET A 144 -8.24 2.39 10.57
C MET A 144 -8.35 1.64 11.90
N ALA A 145 -9.57 1.40 12.36
CA ALA A 145 -9.81 0.77 13.65
C ALA A 145 -9.41 -0.69 13.58
N HIS A 146 -9.66 -1.27 12.41
CA HIS A 146 -9.30 -2.63 12.14
C HIS A 146 -10.06 -3.66 12.96
N GLU A 147 -11.36 -3.44 13.13
CA GLU A 147 -12.17 -4.44 13.82
C GLU A 147 -13.06 -5.20 12.86
N ARG A 148 -12.53 -6.28 12.31
CA ARG A 148 -13.26 -7.10 11.38
C ARG A 148 -14.19 -8.03 12.16
N VAL A 149 -15.47 -7.94 11.86
CA VAL A 149 -16.50 -8.63 12.59
C VAL A 149 -17.10 -9.57 11.57
N SER A 150 -17.42 -10.79 11.97
CA SER A 150 -17.97 -11.74 10.99
C SER A 150 -19.39 -11.37 10.54
N ARG A 151 -19.72 -11.72 9.31
CA ARG A 151 -21.05 -11.43 8.81
C ARG A 151 -22.05 -12.60 8.92
N PRO A 152 -23.22 -12.35 9.55
CA PRO A 152 -24.40 -13.21 9.62
C PRO A 152 -24.61 -14.04 8.36
N GLY A 153 -23.88 -15.14 8.28
CA GLY A 153 -23.84 -16.16 7.25
C GLY A 153 -24.27 -15.78 5.80
N SER A 154 -23.93 -16.69 4.94
CA SER A 154 -24.27 -16.69 3.57
C SER A 154 -23.82 -15.56 2.71
N PRO A 155 -22.96 -15.90 1.74
CA PRO A 155 -22.53 -14.85 0.77
C PRO A 155 -23.74 -14.09 0.09
N GLU A 156 -24.40 -14.78 -0.84
CA GLU A 156 -25.63 -14.43 -1.53
C GLU A 156 -26.63 -13.60 -0.70
N ASP A 157 -26.84 -14.09 0.48
CA ASP A 157 -27.75 -13.44 1.41
C ASP A 157 -27.13 -12.14 1.88
N GLU A 158 -25.81 -12.14 2.05
CA GLU A 158 -25.13 -10.94 2.48
C GLU A 158 -24.84 -10.09 1.23
N ALA A 159 -24.70 -10.75 0.08
CA ALA A 159 -24.58 -10.07 -1.21
C ALA A 159 -25.84 -9.29 -1.59
N GLN A 160 -26.99 -9.93 -1.48
CA GLN A 160 -28.26 -9.27 -1.75
C GLN A 160 -28.49 -8.13 -0.77
N ARG A 161 -27.93 -8.26 0.43
CA ARG A 161 -28.02 -7.19 1.40
C ARG A 161 -27.15 -6.03 0.98
N LEU A 162 -26.02 -6.34 0.35
CA LEU A 162 -25.18 -5.28 -0.17
C LEU A 162 -25.94 -4.51 -1.26
N ASP A 163 -26.35 -5.23 -2.30
CA ASP A 163 -26.96 -4.62 -3.46
C ASP A 163 -28.17 -3.77 -3.11
N GLN A 164 -28.89 -4.17 -2.06
CA GLN A 164 -30.01 -3.37 -1.59
C GLN A 164 -29.49 -2.10 -0.92
N ALA A 165 -28.46 -2.23 -0.11
CA ALA A 165 -27.86 -1.05 0.50
C ALA A 165 -27.43 -0.11 -0.62
N PHE A 166 -26.90 -0.68 -1.69
CA PHE A 166 -26.49 0.10 -2.85
C PHE A 166 -27.66 0.80 -3.55
N ASP A 167 -28.78 0.09 -3.72
CA ASP A 167 -29.93 0.71 -4.39
C ASP A 167 -30.54 1.84 -3.57
N GLN A 168 -30.98 1.51 -2.34
CA GLN A 168 -31.53 2.50 -1.41
C GLN A 168 -30.54 3.62 -1.10
N LYS A 169 -29.25 3.35 -1.27
CA LYS A 169 -28.20 4.27 -0.86
C LYS A 169 -28.10 4.37 0.67
N ASN A 170 -28.18 3.23 1.34
CA ASN A 170 -27.86 3.13 2.77
C ASN A 170 -26.36 3.24 2.97
N THR A 171 -25.82 4.45 2.84
CA THR A 171 -24.38 4.61 2.86
C THR A 171 -23.84 4.32 4.26
N ALA A 172 -24.74 4.12 5.22
CA ALA A 172 -24.31 3.73 6.55
C ALA A 172 -23.91 2.25 6.58
N TYR A 173 -24.83 1.37 6.17
CA TYR A 173 -24.53 -0.06 6.03
C TYR A 173 -23.24 -0.21 5.26
N LEU A 174 -23.23 0.40 4.06
CA LEU A 174 -22.07 0.47 3.18
C LEU A 174 -20.75 0.72 3.92
N ILE A 175 -20.68 1.85 4.65
CA ILE A 175 -19.47 2.24 5.37
C ILE A 175 -19.08 1.13 6.33
N ASP A 176 -20.07 0.64 7.05
CA ASP A 176 -19.84 -0.33 8.12
C ASP A 176 -19.46 -1.70 7.54
N PHE A 177 -20.07 -2.06 6.42
CA PHE A 177 -19.76 -3.30 5.73
C PHE A 177 -18.28 -3.25 5.41
N PHE A 178 -17.92 -2.38 4.47
CA PHE A 178 -16.55 -2.33 4.01
C PHE A 178 -15.57 -1.99 5.14
N GLY A 179 -16.10 -1.42 6.21
CA GLY A 179 -15.28 -1.06 7.36
C GLY A 179 -15.05 -2.26 8.29
N THR A 180 -15.91 -3.26 8.20
CA THR A 180 -15.86 -4.38 9.13
C THR A 180 -15.81 -5.79 8.50
N VAL A 181 -16.38 -5.95 7.31
CA VAL A 181 -16.38 -7.27 6.64
C VAL A 181 -14.98 -7.85 6.61
N PRO A 182 -14.83 -9.11 7.07
CA PRO A 182 -13.51 -9.76 7.10
C PRO A 182 -13.16 -10.17 5.68
N SER A 183 -11.89 -10.05 5.32
CA SER A 183 -11.51 -10.24 3.92
C SER A 183 -11.95 -11.58 3.33
N ALA A 184 -11.67 -12.66 4.04
CA ALA A 184 -12.05 -14.00 3.57
C ALA A 184 -13.52 -14.02 3.20
N GLU A 185 -14.31 -13.26 3.95
CA GLU A 185 -15.75 -13.29 3.76
C GLU A 185 -16.18 -12.42 2.60
N TYR A 186 -15.33 -11.47 2.23
CA TYR A 186 -15.66 -10.53 1.18
C TYR A 186 -15.59 -11.14 -0.24
N ARG A 187 -14.56 -11.94 -0.47
CA ARG A 187 -14.35 -12.58 -1.77
C ARG A 187 -15.58 -13.33 -2.28
N PRO A 188 -16.17 -14.16 -1.40
CA PRO A 188 -17.37 -14.93 -1.78
C PRO A 188 -18.59 -14.03 -1.98
N ILE A 189 -18.76 -13.06 -1.09
CA ILE A 189 -19.86 -12.12 -1.19
C ILE A 189 -19.85 -11.45 -2.57
N ALA A 190 -18.65 -11.07 -3.03
CA ALA A 190 -18.48 -10.28 -4.25
C ALA A 190 -18.54 -11.15 -5.49
N GLU A 191 -17.99 -12.34 -5.40
CA GLU A 191 -18.22 -13.32 -6.43
C GLU A 191 -19.73 -13.47 -6.60
N ALA A 192 -20.46 -13.49 -5.47
CA ALA A 192 -21.90 -13.74 -5.46
C ALA A 192 -22.67 -12.55 -6.00
N PHE A 193 -22.28 -11.35 -5.56
CA PHE A 193 -22.90 -10.12 -6.02
C PHE A 193 -22.93 -10.14 -7.55
N LYS A 194 -21.77 -10.43 -8.13
CA LYS A 194 -21.60 -10.48 -9.56
C LYS A 194 -22.42 -11.58 -10.22
N ALA A 195 -22.69 -12.64 -9.47
CA ALA A 195 -23.39 -13.80 -10.02
C ALA A 195 -24.91 -13.59 -10.03
N GLN A 196 -25.39 -12.59 -9.31
CA GLN A 196 -26.81 -12.47 -9.13
C GLN A 196 -27.40 -11.07 -9.40
N ASN A 197 -26.60 -10.02 -9.23
CA ASN A 197 -27.18 -8.67 -9.18
C ASN A 197 -26.93 -7.74 -10.39
N GLY A 198 -26.54 -8.30 -11.53
CA GLY A 198 -26.54 -7.55 -12.77
C GLY A 198 -25.43 -6.55 -12.91
N LYS A 199 -24.86 -6.19 -11.77
CA LYS A 199 -23.82 -5.19 -11.70
C LYS A 199 -22.78 -5.69 -10.73
N SER A 200 -21.51 -5.63 -11.11
CA SER A 200 -20.44 -5.92 -10.15
C SER A 200 -20.50 -4.89 -9.05
N ILE A 201 -19.85 -5.18 -7.94
CA ILE A 201 -19.80 -4.26 -6.81
C ILE A 201 -19.12 -2.98 -7.26
N GLU A 202 -18.04 -3.17 -8.03
CA GLU A 202 -17.22 -2.08 -8.55
C GLU A 202 -18.00 -1.13 -9.46
N GLN A 203 -19.12 -1.61 -10.00
CA GLN A 203 -19.99 -0.77 -10.82
C GLN A 203 -21.01 -0.12 -9.91
N ALA A 204 -21.45 -0.88 -8.92
CA ALA A 204 -22.34 -0.37 -7.89
C ALA A 204 -21.78 0.92 -7.30
N ILE A 205 -20.54 0.86 -6.81
CA ILE A 205 -19.80 2.04 -6.33
C ILE A 205 -19.83 3.15 -7.37
N ALA A 206 -19.55 2.79 -8.62
CA ALA A 206 -19.53 3.76 -9.72
C ALA A 206 -20.84 4.53 -9.84
N THR A 207 -21.93 3.83 -9.55
CA THR A 207 -23.27 4.41 -9.61
C THR A 207 -23.51 5.36 -8.43
N ILE A 208 -23.05 4.96 -7.24
CA ILE A 208 -23.36 5.70 -6.00
C ILE A 208 -22.35 6.81 -5.69
N TYR A 209 -21.07 6.51 -5.85
CA TYR A 209 -20.01 7.43 -5.46
C TYR A 209 -19.29 8.11 -6.64
N THR A 210 -18.62 9.21 -6.29
CA THR A 210 -17.81 9.96 -7.23
C THR A 210 -16.61 10.58 -6.50
N LYS A 211 -15.64 11.05 -7.29
CA LYS A 211 -14.46 11.71 -6.77
C LYS A 211 -13.72 10.90 -5.71
N THR A 212 -13.38 11.52 -4.59
CA THR A 212 -12.58 10.86 -3.59
C THR A 212 -13.45 9.89 -2.76
N ASP A 213 -14.76 10.12 -2.75
CA ASP A 213 -15.69 9.14 -2.21
C ASP A 213 -15.51 7.84 -3.00
N TYR A 214 -15.65 7.96 -4.31
CA TYR A 214 -15.51 6.82 -5.23
C TYR A 214 -14.26 5.97 -5.04
N TYR A 215 -13.11 6.63 -4.91
CA TYR A 215 -11.85 5.91 -4.92
C TYR A 215 -11.63 5.17 -3.64
N THR A 216 -12.11 5.72 -2.53
CA THR A 216 -11.81 5.12 -1.23
C THR A 216 -12.38 3.70 -1.16
N PHE A 217 -13.67 3.56 -1.48
CA PHE A 217 -14.30 2.25 -1.47
C PHE A 217 -13.73 1.36 -2.56
N TYR A 218 -13.37 1.96 -3.68
CA TYR A 218 -12.88 1.18 -4.80
C TYR A 218 -11.53 0.60 -4.40
N CYS A 219 -10.73 1.38 -3.69
CA CYS A 219 -9.54 0.82 -3.02
C CYS A 219 -9.92 -0.24 -2.00
N ALA A 220 -10.89 0.05 -1.14
CA ALA A 220 -11.35 -0.87 -0.11
C ALA A 220 -11.58 -2.25 -0.69
N HIS A 221 -12.40 -2.27 -1.73
CA HIS A 221 -12.87 -3.48 -2.35
C HIS A 221 -11.70 -4.26 -2.95
N PHE A 222 -10.72 -3.56 -3.48
CA PHE A 222 -9.51 -4.21 -3.98
C PHE A 222 -8.68 -4.83 -2.86
N ALA A 223 -8.80 -4.25 -1.68
CA ALA A 223 -7.93 -4.56 -0.55
C ALA A 223 -8.48 -5.70 0.26
N LEU A 224 -9.78 -5.91 0.15
CA LEU A 224 -10.46 -6.98 0.86
C LEU A 224 -10.38 -8.25 0.00
N LEU A 225 -10.25 -8.08 -1.30
CA LEU A 225 -9.92 -9.16 -2.21
C LEU A 225 -8.50 -9.60 -1.93
N GLY A 226 -7.65 -8.62 -1.62
CA GLY A 226 -6.24 -8.90 -1.34
C GLY A 226 -5.31 -7.76 -1.70
N MET A 227 -4.33 -7.53 -0.83
CA MET A 227 -3.39 -6.45 -1.01
C MET A 227 -2.72 -6.43 -2.41
N HIS A 228 -2.35 -7.60 -2.92
CA HIS A 228 -1.69 -7.67 -4.22
C HIS A 228 -2.62 -7.11 -5.30
N ARG A 229 -3.92 -7.33 -5.12
CA ARG A 229 -4.95 -6.75 -6.00
C ARG A 229 -5.04 -5.22 -5.89
N LEU A 230 -5.12 -4.70 -4.67
CA LEU A 230 -5.11 -3.25 -4.49
C LEU A 230 -3.84 -2.62 -5.09
N ALA A 231 -2.69 -3.24 -4.77
CA ALA A 231 -1.39 -2.88 -5.28
C ALA A 231 -1.42 -2.72 -6.79
N ALA A 232 -1.73 -3.81 -7.48
CA ALA A 232 -1.76 -3.83 -8.93
C ALA A 232 -2.48 -2.60 -9.53
N TYR A 233 -3.65 -2.29 -8.97
CA TYR A 233 -4.42 -1.10 -9.30
C TYR A 233 -3.66 0.20 -8.98
N LEU A 234 -3.19 0.32 -7.74
CA LEU A 234 -2.45 1.49 -7.36
C LEU A 234 -1.29 1.70 -8.34
N ILE A 235 -0.71 0.60 -8.81
CA ILE A 235 0.47 0.71 -9.65
C ILE A 235 0.03 1.29 -10.98
N ASN A 236 -1.09 0.74 -11.47
CA ASN A 236 -1.75 1.17 -12.67
C ASN A 236 -2.11 2.67 -12.64
N CYS A 237 -2.79 3.07 -11.57
CA CYS A 237 -3.08 4.49 -11.31
C CYS A 237 -1.80 5.29 -11.33
N ALA A 238 -0.76 4.72 -10.75
CA ALA A 238 0.54 5.38 -10.70
C ALA A 238 1.07 5.53 -12.12
N CYS A 239 0.66 4.62 -13.00
CA CYS A 239 1.12 4.66 -14.36
C CYS A 239 0.42 5.74 -15.16
N ASN A 240 -0.89 5.87 -14.95
CA ASN A 240 -1.68 6.82 -15.72
C ASN A 240 -1.51 8.25 -15.23
N ASP A 241 -1.20 8.41 -13.94
CA ASP A 241 -0.92 9.72 -13.39
C ASP A 241 0.53 10.08 -13.71
N LYS A 242 0.93 9.64 -14.90
CA LYS A 242 2.18 10.01 -15.54
C LYS A 242 3.44 9.58 -14.79
N GLY A 243 3.42 8.33 -14.32
CA GLY A 243 4.54 7.78 -13.60
C GLY A 243 4.68 8.34 -12.19
N ASP A 244 3.56 8.46 -11.49
CA ASP A 244 3.58 8.96 -10.11
C ASP A 244 4.69 8.32 -9.28
N GLU A 245 5.83 8.98 -9.19
CA GLU A 245 6.93 8.46 -8.38
C GLU A 245 6.70 8.45 -6.86
N LYS A 246 5.87 9.38 -6.37
CA LYS A 246 5.56 9.42 -4.94
C LYS A 246 4.75 8.18 -4.56
N ARG A 247 3.59 8.00 -5.20
CA ARG A 247 2.79 6.80 -4.98
C ARG A 247 3.64 5.54 -5.09
N MET A 248 4.42 5.45 -6.15
CA MET A 248 5.17 4.24 -6.43
C MET A 248 6.21 4.02 -5.35
N ARG A 249 6.65 5.10 -4.70
CA ARG A 249 7.69 4.99 -3.69
C ARG A 249 7.08 4.66 -2.32
N ARG A 250 5.94 5.25 -2.04
CA ARG A 250 5.18 4.91 -0.84
C ARG A 250 4.86 3.43 -0.82
N ILE A 251 4.26 2.91 -1.88
CA ILE A 251 3.73 1.54 -1.84
C ILE A 251 4.79 0.44 -2.01
N THR A 252 5.84 0.72 -2.77
CA THR A 252 6.92 -0.25 -3.00
C THR A 252 7.77 -0.43 -1.75
N GLY A 253 8.48 0.63 -1.35
CA GLY A 253 9.36 0.58 -0.20
C GLY A 253 8.63 0.12 1.04
N MET A 254 7.30 0.23 1.00
CA MET A 254 6.48 -0.10 2.16
C MET A 254 5.91 -1.53 2.14
N MET A 255 5.76 -2.12 0.96
CA MET A 255 4.86 -3.27 0.87
C MET A 255 5.24 -4.36 -0.13
N VAL A 256 6.29 -4.15 -0.92
CA VAL A 256 6.53 -5.05 -2.04
C VAL A 256 6.46 -6.50 -1.62
N ASP A 257 7.18 -6.85 -0.54
CA ASP A 257 7.25 -8.24 -0.12
C ASP A 257 5.86 -8.85 0.05
N LYS A 258 4.94 -8.09 0.65
CA LYS A 258 3.61 -8.61 0.91
C LYS A 258 2.75 -8.72 -0.36
N CYS A 259 3.13 -8.01 -1.41
CA CYS A 259 2.28 -7.89 -2.60
C CYS A 259 2.92 -8.35 -3.91
N LEU A 260 3.69 -9.43 -3.90
CA LEU A 260 4.39 -9.80 -5.14
C LEU A 260 3.48 -10.35 -6.27
N GLY A 261 2.28 -10.81 -5.94
CA GLY A 261 1.37 -11.31 -6.95
C GLY A 261 0.71 -10.24 -7.82
N ALA A 262 1.04 -8.99 -7.54
CA ALA A 262 0.50 -7.86 -8.28
C ALA A 262 0.78 -8.05 -9.77
N LYS A 263 1.93 -8.61 -10.09
CA LYS A 263 2.28 -8.78 -11.50
C LYS A 263 1.22 -9.59 -12.25
N HIS A 264 0.66 -10.59 -11.58
CA HIS A 264 -0.43 -11.39 -12.12
C HIS A 264 -1.77 -10.65 -12.05
N ALA A 265 -2.02 -9.97 -10.94
CA ALA A 265 -3.24 -9.20 -10.80
C ALA A 265 -3.28 -8.12 -11.87
N TYR A 266 -2.11 -7.60 -12.21
CA TYR A 266 -1.95 -6.49 -13.15
C TYR A 266 -2.42 -6.86 -14.55
N LYS A 267 -2.49 -8.16 -14.79
CA LYS A 267 -2.80 -8.66 -16.12
C LYS A 267 -4.10 -8.06 -16.64
N ILE A 268 -5.02 -7.74 -15.73
CA ILE A 268 -6.27 -7.11 -16.14
C ILE A 268 -6.06 -5.72 -16.73
N TYR A 269 -4.87 -5.14 -16.54
CA TYR A 269 -4.56 -3.86 -17.14
C TYR A 269 -3.54 -4.04 -18.23
N GLY A 270 -2.82 -5.15 -18.16
CA GLY A 270 -1.78 -5.41 -19.14
C GLY A 270 -0.54 -5.94 -18.45
N ASP A 271 0.60 -5.76 -19.10
CA ASP A 271 1.84 -6.27 -18.57
C ASP A 271 2.46 -5.18 -17.69
N MET A 272 2.69 -5.54 -16.43
CA MET A 272 3.23 -4.59 -15.46
C MET A 272 4.64 -4.20 -15.84
N GLY A 273 5.44 -5.20 -16.15
CA GLY A 273 6.81 -4.95 -16.56
C GLY A 273 6.83 -3.89 -17.63
N THR A 274 6.00 -4.10 -18.67
CA THR A 274 6.03 -3.20 -19.81
C THR A 274 5.61 -1.75 -19.49
N ASP A 275 4.41 -1.59 -18.93
CA ASP A 275 3.86 -0.28 -18.60
C ASP A 275 4.78 0.59 -17.76
N ILE A 276 5.61 -0.05 -16.95
CA ILE A 276 6.56 0.70 -16.14
C ILE A 276 7.74 1.13 -16.97
N GLU A 277 8.13 0.29 -17.93
CA GLU A 277 9.16 0.65 -18.88
C GLU A 277 8.74 1.97 -19.46
N ARG A 278 7.46 2.02 -19.81
CA ARG A 278 6.84 3.15 -20.48
C ARG A 278 6.68 4.40 -19.62
N CYS A 279 5.87 4.31 -18.56
CA CYS A 279 5.50 5.44 -17.71
C CYS A 279 6.59 6.05 -16.85
N PHE A 280 7.56 5.23 -16.44
CA PHE A 280 8.60 5.74 -15.54
C PHE A 280 9.92 5.89 -16.25
N ASP A 281 10.66 6.92 -15.86
CA ASP A 281 11.89 7.21 -16.56
C ASP A 281 13.00 6.16 -16.34
N LYS A 282 14.10 6.38 -17.05
CA LYS A 282 15.23 5.46 -17.14
C LYS A 282 15.96 5.23 -15.81
N ARG A 283 15.70 6.06 -14.81
CA ARG A 283 16.32 5.87 -13.50
C ARG A 283 15.38 5.06 -12.62
N MET A 284 14.17 5.57 -12.42
CA MET A 284 13.18 4.90 -11.59
C MET A 284 12.69 3.54 -12.11
N ALA A 285 12.52 3.40 -13.43
CA ALA A 285 11.88 2.18 -13.97
C ALA A 285 12.65 0.87 -13.74
N PRO A 286 13.95 0.85 -14.03
CA PRO A 286 14.73 -0.36 -13.72
C PRO A 286 14.64 -0.72 -12.24
N ILE A 287 14.74 0.29 -11.38
CA ILE A 287 14.54 0.07 -9.96
C ILE A 287 13.21 -0.63 -9.73
N LEU A 288 12.13 -0.03 -10.24
CA LEU A 288 10.78 -0.59 -10.12
C LEU A 288 10.57 -2.03 -10.66
N ARG A 289 10.90 -2.26 -11.94
CA ARG A 289 10.83 -3.60 -12.53
C ARG A 289 11.54 -4.69 -11.69
N THR A 290 12.64 -4.31 -11.03
CA THR A 290 13.40 -5.22 -10.18
C THR A 290 12.63 -5.60 -8.91
N LEU A 291 12.21 -4.58 -8.17
CA LEU A 291 11.43 -4.76 -6.96
C LEU A 291 10.19 -5.64 -7.15
N TRP A 292 9.33 -5.30 -8.12
CA TRP A 292 8.12 -6.08 -8.36
C TRP A 292 8.33 -7.27 -9.29
N ARG A 293 9.59 -7.63 -9.51
CA ARG A 293 9.96 -8.86 -10.21
C ARG A 293 9.38 -8.95 -11.61
N VAL A 294 9.43 -7.85 -12.35
CA VAL A 294 9.16 -7.93 -13.77
C VAL A 294 10.30 -7.30 -14.57
N LYS A 295 11.34 -8.10 -14.82
CA LYS A 295 12.47 -7.69 -15.66
C LYS A 295 12.40 -8.41 -17.01
CA CA B . 22.23 11.79 -1.36
CA CA C . 13.47 10.45 -11.89
#